data_3NNF
#
_entry.id   3NNF
#
_cell.length_a   87.563
_cell.length_b   87.563
_cell.length_c   157.745
_cell.angle_alpha   90.00
_cell.angle_beta   90.00
_cell.angle_gamma   90.00
#
_symmetry.space_group_name_H-M   'P 43 21 2'
#
loop_
_entity.id
_entity.type
_entity.pdbx_description
1 polymer CurA
2 non-polymer 'FE (III) ION'
3 non-polymer 'FORMIC ACID'
4 non-polymer '2-OXOGLUTARIC ACID'
5 non-polymer 'CHLORIDE ION'
6 water water
#
_entity_poly.entity_id   1
_entity_poly.type   'polypeptide(L)'
_entity_poly.pdbx_seq_one_letter_code
;MHHHHHHSSGVDLGTENLYFQSNAMNREQVEQLKQEYEEKGYCQIKKIFDFSAIKTIQKTLDQAKQESQISKEKVTLKLG
GIDDIDTNDHAYDLVKYDFVSSFIQEKLALLNYITGKNLMIMHNALFSVEPNHKGLPWHVGVGSFSFTKTEDFGASIWIP
LDKITKEHRGGMQYVSTKIFPGQFYYSVFDLHLKNNIKWDESQGDLNEYVANANTIYNKITEDVIDYTIKDGYEEDEYNL
GDAFFFNKYVLHQSVPLKPGLHKLRRAFVIRLVDYDTRVDEERLGLFSKYSQLHSRYYKTLPRYNKDSVLVMVSRAVQKG
LKSPYLRDIPHVQQTLAARMAAGA
;
_entity_poly.pdbx_strand_id   A
#
loop_
_chem_comp.id
_chem_comp.type
_chem_comp.name
_chem_comp.formula
AKG non-polymer '2-OXOGLUTARIC ACID' 'C5 H6 O5'
CL non-polymer 'CHLORIDE ION' 'Cl -1'
FE non-polymer 'FE (III) ION' 'Fe 3'
FMT non-polymer 'FORMIC ACID' 'C H2 O2'
#
# COMPACT_ATOMS: atom_id res chain seq x y z
N MET A 25 20.13 -12.83 -12.61
CA MET A 25 19.33 -12.52 -13.80
C MET A 25 20.25 -12.18 -14.97
N ASN A 26 19.71 -11.47 -15.96
CA ASN A 26 20.46 -11.12 -17.16
C ASN A 26 21.68 -10.23 -16.92
N ARG A 27 21.56 -9.25 -16.04
CA ARG A 27 22.66 -8.32 -15.78
C ARG A 27 22.45 -7.04 -16.55
N GLU A 28 22.18 -7.19 -17.85
CA GLU A 28 21.87 -6.06 -18.72
C GLU A 28 20.48 -5.51 -18.37
N GLN A 29 19.56 -6.44 -18.13
CA GLN A 29 18.21 -6.14 -17.70
C GLN A 29 18.22 -5.50 -16.31
N VAL A 30 18.93 -6.13 -15.38
CA VAL A 30 19.03 -5.62 -14.02
C VAL A 30 19.49 -4.17 -14.00
N GLU A 31 20.32 -3.79 -14.98
CA GLU A 31 20.80 -2.42 -15.02
C GLU A 31 19.76 -1.47 -15.58
N GLN A 32 18.95 -1.96 -16.49
CA GLN A 32 17.84 -1.18 -16.99
C GLN A 32 16.81 -0.96 -15.89
N LEU A 33 16.59 -2.01 -15.07
CA LEU A 33 15.66 -1.88 -13.96
C LEU A 33 16.10 -0.79 -13.01
N LYS A 34 17.36 -0.87 -12.57
CA LYS A 34 17.92 0.14 -11.68
C LYS A 34 17.76 1.51 -12.31
N GLN A 35 18.13 1.61 -13.57
CA GLN A 35 18.03 2.85 -14.32
C GLN A 35 16.61 3.40 -14.31
N GLU A 36 15.63 2.55 -14.61
CA GLU A 36 14.25 2.98 -14.71
C GLU A 36 13.68 3.46 -13.35
N TYR A 37 14.03 2.77 -12.28
CA TYR A 37 13.54 3.12 -10.97
C TYR A 37 14.08 4.48 -10.56
N GLU A 38 15.33 4.74 -10.96
CA GLU A 38 15.99 5.99 -10.64
C GLU A 38 15.31 7.16 -11.32
N GLU A 39 14.84 6.93 -12.54
CA GLU A 39 14.07 7.94 -13.24
C GLU A 39 12.64 8.10 -12.74
N LYS A 40 11.93 6.98 -12.58
CA LYS A 40 10.49 7.02 -12.36
C LYS A 40 10.01 6.78 -10.93
N GLY A 41 10.86 6.20 -10.08
CA GLY A 41 10.42 5.77 -8.76
C GLY A 41 9.75 4.41 -8.82
N TYR A 42 9.68 3.81 -10.02
CA TYR A 42 9.13 2.46 -10.17
C TYR A 42 9.78 1.65 -11.32
N CYS A 43 9.54 0.33 -11.31
CA CYS A 43 9.85 -0.50 -12.48
C CYS A 43 9.03 -1.79 -12.48
N GLN A 44 8.50 -2.16 -13.62
CA GLN A 44 7.88 -3.46 -13.78
C GLN A 44 9.01 -4.49 -13.89
N ILE A 45 8.95 -5.54 -13.06
CA ILE A 45 9.93 -6.63 -13.14
C ILE A 45 9.30 -7.92 -13.67
N LYS A 46 9.58 -8.21 -14.93
CA LYS A 46 8.99 -9.39 -15.57
C LYS A 46 9.64 -10.69 -15.12
N LYS A 47 8.80 -11.67 -14.82
CA LYS A 47 9.24 -13.03 -14.57
C LYS A 47 10.13 -13.13 -13.36
N ILE A 48 9.84 -12.34 -12.34
CA ILE A 48 10.63 -12.38 -11.12
C ILE A 48 10.22 -13.55 -10.20
N PHE A 49 8.95 -13.92 -10.21
CA PHE A 49 8.51 -15.06 -9.41
C PHE A 49 8.21 -16.23 -10.33
N ASP A 50 8.42 -17.45 -9.85
CA ASP A 50 8.05 -18.59 -10.69
C ASP A 50 6.61 -19.01 -10.44
N PHE A 51 6.01 -19.63 -11.45
CA PHE A 51 4.61 -20.01 -11.37
C PHE A 51 4.31 -20.73 -10.06
N SER A 52 5.27 -21.50 -9.58
CA SER A 52 5.05 -22.30 -8.39
C SER A 52 4.89 -21.41 -7.15
N ALA A 53 5.69 -20.36 -7.09
CA ALA A 53 5.58 -19.37 -6.02
C ALA A 53 4.21 -18.68 -6.07
N ILE A 54 3.75 -18.36 -7.27
CA ILE A 54 2.44 -17.72 -7.43
C ILE A 54 1.32 -18.62 -6.93
N LYS A 55 1.36 -19.89 -7.33
CA LYS A 55 0.31 -20.82 -6.93
C LYS A 55 0.29 -20.95 -5.42
N THR A 56 1.46 -20.96 -4.81
CA THR A 56 1.54 -21.02 -3.35
C THR A 56 0.90 -19.77 -2.72
N ILE A 57 1.22 -18.59 -3.25
CA ILE A 57 0.57 -17.35 -2.77
C ILE A 57 -0.94 -17.42 -2.90
N GLN A 58 -1.42 -17.79 -4.09
CA GLN A 58 -2.85 -17.96 -4.32
C GLN A 58 -3.54 -18.83 -3.27
N LYS A 59 -3.06 -20.06 -3.13
CA LYS A 59 -3.65 -21.01 -2.20
C LYS A 59 -3.60 -20.47 -0.78
N THR A 60 -2.42 -20.04 -0.36
CA THR A 60 -2.26 -19.54 1.01
C THR A 60 -3.15 -18.35 1.33
N LEU A 61 -3.21 -17.39 0.41
CA LEU A 61 -4.09 -16.24 0.66
C LEU A 61 -5.57 -16.61 0.58
N ASP A 62 -5.89 -17.59 -0.28
CA ASP A 62 -7.26 -18.10 -0.39
C ASP A 62 -7.74 -18.74 0.92
N GLN A 63 -6.86 -19.51 1.55
CA GLN A 63 -7.15 -20.08 2.86
C GLN A 63 -7.29 -18.99 3.93
N ALA A 64 -6.27 -18.13 4.05
CA ALA A 64 -6.28 -17.06 5.04
C ALA A 64 -7.53 -16.19 4.91
N LYS A 65 -7.94 -15.96 3.67
CA LYS A 65 -9.08 -15.10 3.36
C LYS A 65 -10.40 -15.75 3.78
N GLN A 66 -10.53 -17.05 3.60
CA GLN A 66 -11.77 -17.71 3.98
C GLN A 66 -12.03 -17.59 5.48
N GLU A 67 -10.96 -17.70 6.27
CA GLU A 67 -11.04 -17.68 7.72
C GLU A 67 -11.54 -16.40 8.43
N SER A 68 -11.15 -15.24 7.95
CA SER A 68 -11.48 -13.98 8.64
C SER A 68 -12.54 -13.12 7.98
N GLN A 69 -13.23 -12.30 8.77
CA GLN A 69 -14.28 -11.43 8.24
C GLN A 69 -13.79 -9.98 8.25
N ILE A 70 -13.69 -9.38 7.06
CA ILE A 70 -13.08 -8.06 6.89
C ILE A 70 -14.01 -7.01 6.25
N SER A 71 -13.89 -5.77 6.72
CA SER A 71 -14.76 -4.66 6.31
C SER A 71 -14.01 -3.60 5.45
N LYS A 72 -14.75 -2.63 4.91
CA LYS A 72 -14.18 -1.59 4.04
C LYS A 72 -13.66 -0.35 4.77
N GLU A 73 -13.88 -0.28 6.08
CA GLU A 73 -13.58 0.95 6.79
C GLU A 73 -12.08 1.24 6.95
N LYS A 74 -11.26 0.22 7.10
CA LYS A 74 -9.82 0.46 7.33
C LYS A 74 -9.07 0.94 6.07
N VAL A 75 -9.54 0.52 4.88
CA VAL A 75 -9.00 1.03 3.62
C VAL A 75 -9.56 2.43 3.31
N THR A 76 -10.82 2.66 3.69
CA THR A 76 -11.45 3.96 3.55
C THR A 76 -10.70 5.00 4.39
N LEU A 77 -10.46 4.69 5.66
CA LEU A 77 -9.70 5.57 6.57
C LEU A 77 -8.28 5.81 6.07
N LYS A 78 -7.62 4.75 5.63
CA LYS A 78 -6.26 4.83 5.10
C LYS A 78 -6.12 5.82 3.95
N LEU A 79 -7.16 5.97 3.13
CA LEU A 79 -7.15 6.96 2.06
C LEU A 79 -7.96 8.23 2.43
N GLY A 80 -8.11 8.46 3.73
CA GLY A 80 -8.56 9.75 4.21
C GLY A 80 -10.04 9.95 4.43
N GLY A 81 -10.80 8.86 4.35
CA GLY A 81 -12.22 8.90 4.67
C GLY A 81 -13.10 9.27 3.49
N ILE A 82 -12.50 9.27 2.31
CA ILE A 82 -13.16 9.75 1.10
C ILE A 82 -14.25 8.81 0.53
N ASP A 83 -14.18 7.52 0.82
CA ASP A 83 -15.27 6.59 0.43
C ASP A 83 -15.47 6.54 -1.11
N ASP A 84 -14.37 6.56 -1.85
CA ASP A 84 -14.42 6.31 -3.28
C ASP A 84 -13.65 5.01 -3.59
N ILE A 85 -13.54 4.15 -2.60
CA ILE A 85 -12.87 2.87 -2.76
C ILE A 85 -13.89 1.87 -3.29
N ASP A 86 -13.54 1.22 -4.40
CA ASP A 86 -14.44 0.27 -5.03
C ASP A 86 -13.69 -1.01 -5.30
N THR A 87 -13.36 -1.71 -4.23
CA THR A 87 -12.58 -2.94 -4.31
C THR A 87 -13.33 -4.04 -3.58
N ASN A 88 -13.00 -5.27 -3.91
CA ASN A 88 -13.70 -6.41 -3.33
C ASN A 88 -13.01 -6.87 -2.03
N ASP A 89 -11.72 -7.13 -2.14
CA ASP A 89 -10.90 -7.52 -1.01
C ASP A 89 -9.95 -6.40 -0.65
N HIS A 90 -9.96 -6.00 0.61
CA HIS A 90 -9.03 -5.02 1.15
C HIS A 90 -8.51 -5.52 2.48
N ALA A 91 -7.67 -6.54 2.45
CA ALA A 91 -7.20 -7.17 3.68
C ALA A 91 -5.73 -6.92 3.97
N TYR A 92 -5.45 -6.50 5.20
CA TYR A 92 -4.09 -6.21 5.62
C TYR A 92 -3.48 -7.29 6.51
N ASP A 93 -2.27 -7.71 6.19
CA ASP A 93 -1.55 -8.67 7.01
C ASP A 93 -2.32 -9.98 7.23
N LEU A 94 -2.83 -10.57 6.16
CA LEU A 94 -3.50 -11.87 6.25
C LEU A 94 -2.47 -12.96 6.58
N VAL A 95 -1.25 -12.76 6.09
CA VAL A 95 -0.16 -13.70 6.32
C VAL A 95 0.98 -13.02 7.10
N LYS A 96 1.89 -13.83 7.65
CA LYS A 96 2.95 -13.30 8.48
C LYS A 96 4.26 -13.06 7.73
N TYR A 97 5.21 -12.43 8.41
CA TYR A 97 6.49 -12.07 7.81
C TYR A 97 7.25 -13.31 7.34
N ASP A 98 7.09 -14.43 8.05
CA ASP A 98 7.83 -15.65 7.69
C ASP A 98 7.34 -16.28 6.39
N PHE A 99 6.03 -16.38 6.23
CA PHE A 99 5.51 -16.81 4.95
C PHE A 99 5.98 -15.89 3.82
N VAL A 100 6.08 -14.60 4.11
CA VAL A 100 6.53 -13.65 3.09
C VAL A 100 8.02 -13.80 2.75
N SER A 101 8.88 -13.90 3.75
CA SER A 101 10.32 -14.01 3.45
C SER A 101 10.55 -15.27 2.65
N SER A 102 9.75 -16.29 2.92
CA SER A 102 9.88 -17.57 2.25
C SER A 102 9.84 -17.45 0.73
N PHE A 103 9.29 -16.35 0.19
CA PHE A 103 9.38 -16.19 -1.27
C PHE A 103 9.96 -14.84 -1.67
N ILE A 104 10.11 -13.95 -0.69
CA ILE A 104 10.57 -12.60 -0.95
C ILE A 104 12.03 -12.41 -0.61
N GLN A 105 12.47 -13.06 0.46
CA GLN A 105 13.85 -12.86 0.93
C GLN A 105 14.89 -13.03 -0.17
N GLU A 106 14.70 -14.04 -1.01
CA GLU A 106 15.67 -14.33 -2.07
C GLU A 106 15.65 -13.26 -3.15
N LYS A 107 14.72 -12.32 -3.04
CA LYS A 107 14.61 -11.25 -4.05
C LYS A 107 15.09 -9.92 -3.51
N LEU A 108 15.24 -9.80 -2.19
CA LEU A 108 15.64 -8.54 -1.58
C LEU A 108 16.94 -7.98 -2.14
N ALA A 109 17.85 -8.86 -2.52
CA ALA A 109 19.13 -8.48 -3.12
C ALA A 109 18.96 -7.62 -4.39
N LEU A 110 18.12 -8.08 -5.31
CA LEU A 110 17.80 -7.32 -6.50
C LEU A 110 17.13 -5.99 -6.17
N LEU A 111 16.26 -5.98 -5.17
CA LEU A 111 15.56 -4.74 -4.82
C LEU A 111 16.47 -3.75 -4.11
N ASN A 112 17.27 -4.26 -3.18
CA ASN A 112 18.33 -3.46 -2.53
C ASN A 112 19.24 -2.83 -3.57
N TYR A 113 19.57 -3.58 -4.60
CA TYR A 113 20.45 -3.06 -5.63
C TYR A 113 19.75 -1.98 -6.46
N ILE A 114 18.52 -2.26 -6.89
CA ILE A 114 17.75 -1.30 -7.67
C ILE A 114 17.57 0.05 -6.96
N THR A 115 17.26 -0.01 -5.67
CA THR A 115 17.01 1.19 -4.87
C THR A 115 18.20 1.73 -4.10
N GLY A 116 19.30 0.98 -4.08
CA GLY A 116 20.47 1.39 -3.31
C GLY A 116 20.09 1.56 -1.85
N LYS A 117 19.23 0.68 -1.37
CA LYS A 117 18.73 0.72 0.00
C LYS A 117 18.77 -0.67 0.60
N ASN A 118 18.73 -0.75 1.92
CA ASN A 118 18.66 -2.04 2.59
C ASN A 118 17.22 -2.25 3.02
N LEU A 119 16.52 -3.17 2.37
CA LEU A 119 15.09 -3.36 2.61
C LEU A 119 14.74 -4.36 3.71
N MET A 120 13.74 -4.00 4.50
CA MET A 120 13.13 -4.92 5.45
C MET A 120 11.67 -5.17 5.05
N ILE A 121 11.29 -6.44 5.02
CA ILE A 121 9.89 -6.81 4.81
C ILE A 121 9.11 -6.33 6.02
N MET A 122 7.94 -5.72 5.81
CA MET A 122 7.16 -5.22 6.94
C MET A 122 5.71 -5.71 6.99
N HIS A 123 4.87 -5.12 6.15
CA HIS A 123 3.45 -5.44 6.14
C HIS A 123 2.95 -5.71 4.73
N ASN A 124 1.77 -6.29 4.61
CA ASN A 124 1.27 -6.70 3.31
C ASN A 124 -0.21 -6.43 3.18
N ALA A 125 -0.72 -6.58 1.96
CA ALA A 125 -2.13 -6.37 1.73
C ALA A 125 -2.57 -7.19 0.55
N LEU A 126 -3.85 -7.55 0.53
CA LEU A 126 -4.45 -8.23 -0.59
C LEU A 126 -5.59 -7.36 -1.12
N PHE A 127 -5.54 -7.02 -2.40
CA PHE A 127 -6.61 -6.25 -3.00
C PHE A 127 -7.18 -7.07 -4.14
N SER A 128 -8.48 -6.98 -4.34
CA SER A 128 -9.09 -7.61 -5.50
C SER A 128 -10.23 -6.75 -6.02
N VAL A 129 -10.48 -6.85 -7.32
CA VAL A 129 -11.55 -6.10 -7.95
C VAL A 129 -12.36 -7.04 -8.82
N GLU A 130 -13.67 -6.81 -8.85
CA GLU A 130 -14.58 -7.55 -9.71
C GLU A 130 -14.68 -6.80 -11.02
N PRO A 131 -15.25 -7.43 -12.05
CA PRO A 131 -15.34 -6.71 -13.32
C PRO A 131 -16.21 -5.46 -13.18
N ASN A 132 -15.83 -4.41 -13.90
CA ASN A 132 -16.55 -3.14 -13.89
C ASN A 132 -16.53 -2.40 -12.57
N HIS A 133 -15.43 -2.51 -11.82
CA HIS A 133 -15.25 -1.69 -10.62
C HIS A 133 -14.00 -0.84 -10.75
N LYS A 134 -13.96 0.26 -10.03
CA LYS A 134 -12.87 1.21 -10.18
C LYS A 134 -11.67 0.84 -9.31
N GLY A 135 -11.87 -0.09 -8.38
CA GLY A 135 -10.84 -0.44 -7.42
C GLY A 135 -10.46 0.80 -6.61
N LEU A 136 -9.17 0.97 -6.36
CA LEU A 136 -8.66 2.15 -5.67
C LEU A 136 -8.45 3.32 -6.63
N PRO A 137 -8.76 4.56 -6.16
CA PRO A 137 -8.53 5.76 -6.94
C PRO A 137 -7.07 6.18 -6.88
N TRP A 138 -6.69 7.26 -7.55
CA TRP A 138 -5.30 7.71 -7.55
C TRP A 138 -4.86 7.98 -6.12
N HIS A 139 -3.67 7.49 -5.78
CA HIS A 139 -3.12 7.69 -4.45
C HIS A 139 -1.61 7.49 -4.41
N VAL A 140 -1.01 7.96 -3.32
CA VAL A 140 0.39 7.74 -3.01
C VAL A 140 0.33 7.00 -1.70
N GLY A 141 1.39 6.29 -1.33
CA GLY A 141 1.27 5.48 -0.14
C GLY A 141 1.37 6.21 1.17
N VAL A 142 0.54 7.25 1.34
CA VAL A 142 0.44 7.88 2.65
C VAL A 142 -0.41 7.05 3.63
N GLY A 143 -1.42 6.34 3.11
CA GLY A 143 -2.15 5.38 3.93
C GLY A 143 -1.35 4.13 4.29
N SER A 144 -0.68 3.55 3.30
CA SER A 144 0.10 2.33 3.50
C SER A 144 1.27 2.50 4.47
N PHE A 145 1.93 3.64 4.38
CA PHE A 145 3.13 3.93 5.16
C PHE A 145 2.85 4.99 6.22
N SER A 146 1.65 4.96 6.75
CA SER A 146 1.18 5.97 7.68
C SER A 146 2.00 6.08 8.96
N PHE A 147 2.48 4.95 9.49
CA PHE A 147 3.17 5.01 10.78
C PHE A 147 4.66 5.26 10.63
N THR A 148 5.09 5.68 9.45
CA THR A 148 6.50 5.99 9.22
C THR A 148 6.71 7.43 8.75
N LYS A 149 7.90 7.97 9.03
CA LYS A 149 8.21 9.33 8.65
C LYS A 149 8.18 9.51 7.14
N THR A 150 7.61 10.62 6.71
CA THR A 150 7.41 10.93 5.31
C THR A 150 8.66 10.81 4.47
N GLU A 151 9.78 11.26 5.02
CA GLU A 151 11.02 11.39 4.25
C GLU A 151 11.83 10.11 4.27
N ASP A 152 11.47 9.21 5.18
CA ASP A 152 12.09 7.89 5.25
C ASP A 152 11.57 7.00 4.12
N PHE A 153 12.29 5.91 3.86
CA PHE A 153 12.03 5.15 2.63
C PHE A 153 10.90 4.14 2.77
N GLY A 154 10.14 3.98 1.71
CA GLY A 154 9.09 2.98 1.67
C GLY A 154 8.90 2.60 0.25
N ALA A 155 8.65 1.32 -0.01
CA ALA A 155 8.37 0.85 -1.35
C ALA A 155 7.50 -0.41 -1.29
N SER A 156 6.95 -0.82 -2.42
CA SER A 156 6.00 -1.92 -2.47
C SER A 156 6.32 -2.83 -3.63
N ILE A 157 6.00 -4.11 -3.46
CA ILE A 157 5.99 -5.06 -4.57
C ILE A 157 4.56 -5.52 -4.75
N TRP A 158 4.05 -5.29 -5.96
CA TRP A 158 2.66 -5.57 -6.27
C TRP A 158 2.68 -6.82 -7.13
N ILE A 159 2.12 -7.91 -6.62
CA ILE A 159 2.16 -9.19 -7.32
C ILE A 159 0.77 -9.58 -7.76
N PRO A 160 0.48 -9.36 -9.04
CA PRO A 160 -0.85 -9.73 -9.51
C PRO A 160 -0.97 -11.27 -9.54
N LEU A 161 -2.12 -11.79 -9.08
CA LEU A 161 -2.38 -13.22 -8.99
C LEU A 161 -3.34 -13.66 -10.09
N ASP A 162 -3.69 -12.73 -10.96
CA ASP A 162 -4.50 -13.03 -12.13
C ASP A 162 -4.00 -12.15 -13.25
N LYS A 163 -3.92 -12.72 -14.43
CA LYS A 163 -3.23 -12.12 -15.55
C LYS A 163 -3.83 -10.76 -15.93
N ILE A 164 -2.96 -9.79 -16.21
CA ILE A 164 -3.40 -8.46 -16.64
C ILE A 164 -3.09 -8.31 -18.12
N THR A 165 -4.14 -8.25 -18.94
CA THR A 165 -3.98 -8.15 -20.39
C THR A 165 -4.43 -6.81 -20.96
N LYS A 166 -3.96 -6.53 -22.17
CA LYS A 166 -4.33 -5.32 -22.88
C LYS A 166 -5.84 -5.27 -23.10
N GLU A 167 -6.47 -6.43 -23.20
CA GLU A 167 -7.88 -6.50 -23.55
C GLU A 167 -8.82 -6.43 -22.33
N HIS A 168 -8.42 -7.01 -21.21
CA HIS A 168 -9.29 -6.97 -20.04
C HIS A 168 -8.80 -6.01 -18.94
N ARG A 169 -7.54 -5.61 -19.03
CA ARG A 169 -6.94 -4.68 -18.07
C ARG A 169 -7.21 -5.10 -16.63
N GLY A 170 -7.75 -4.22 -15.82
CA GLY A 170 -8.00 -4.58 -14.43
C GLY A 170 -6.72 -4.51 -13.60
N GLY A 171 -5.68 -3.93 -14.18
CA GLY A 171 -4.42 -3.79 -13.45
C GLY A 171 -4.28 -2.46 -12.73
N MET A 172 -3.15 -1.78 -12.93
CA MET A 172 -2.89 -0.47 -12.36
C MET A 172 -2.32 0.50 -13.36
N GLN A 173 -2.51 1.78 -13.10
CA GLN A 173 -1.81 2.85 -13.77
C GLN A 173 -0.90 3.53 -12.74
N TYR A 174 0.19 4.13 -13.21
CA TYR A 174 1.19 4.67 -12.31
C TYR A 174 1.94 5.79 -13.02
N VAL A 175 2.42 6.75 -12.24
CA VAL A 175 2.99 7.97 -12.79
C VAL A 175 4.40 8.15 -12.27
N SER A 176 5.34 8.38 -13.19
CA SER A 176 6.71 8.73 -12.82
C SER A 176 6.75 9.86 -11.79
N THR A 177 7.61 9.73 -10.77
CA THR A 177 7.82 10.78 -9.78
C THR A 177 8.45 12.02 -10.44
N LYS A 178 8.96 11.84 -11.65
CA LYS A 178 9.48 12.96 -12.41
C LYS A 178 8.30 13.85 -12.78
N ILE A 179 7.16 13.23 -13.07
CA ILE A 179 5.93 13.96 -13.42
C ILE A 179 5.09 14.40 -12.19
N PHE A 180 5.07 13.57 -11.15
CA PHE A 180 4.25 13.85 -9.98
C PHE A 180 5.05 13.44 -8.76
N PRO A 181 5.83 14.36 -8.21
CA PRO A 181 6.66 13.97 -7.06
C PRO A 181 5.76 13.86 -5.83
N GLY A 182 5.31 12.64 -5.50
CA GLY A 182 4.25 12.47 -4.53
C GLY A 182 4.52 12.83 -3.08
N GLN A 183 5.77 13.10 -2.74
CA GLN A 183 6.10 13.47 -1.36
C GLN A 183 5.25 14.63 -0.80
N PHE A 184 4.89 15.60 -1.63
CA PHE A 184 4.12 16.75 -1.16
C PHE A 184 2.71 16.37 -0.71
N TYR A 185 2.19 15.31 -1.32
CA TYR A 185 0.85 14.81 -1.02
C TYR A 185 0.67 14.37 0.45
N TYR A 186 1.75 13.94 1.09
CA TYR A 186 1.69 13.52 2.49
C TYR A 186 1.28 14.65 3.46
N SER A 187 1.85 15.84 3.28
CA SER A 187 1.42 17.00 4.08
C SER A 187 -0.01 17.35 3.83
N VAL A 188 -0.36 17.43 2.55
CA VAL A 188 -1.73 17.70 2.15
C VAL A 188 -2.68 16.71 2.84
N PHE A 189 -2.31 15.43 2.83
CA PHE A 189 -3.13 14.42 3.48
C PHE A 189 -3.20 14.60 5.00
N ASP A 190 -2.05 14.86 5.62
CA ASP A 190 -2.02 15.15 7.07
C ASP A 190 -2.86 16.37 7.48
N LEU A 191 -2.86 17.43 6.67
CA LEU A 191 -3.72 18.59 6.93
C LEU A 191 -5.19 18.16 6.92
N HIS A 192 -5.51 17.26 6.00
CA HIS A 192 -6.88 16.78 5.89
C HIS A 192 -7.27 15.90 7.08
N LEU A 193 -6.40 14.97 7.45
CA LEU A 193 -6.63 14.16 8.64
C LEU A 193 -6.90 15.02 9.87
N LYS A 194 -6.07 16.05 10.05
CA LYS A 194 -6.23 17.02 11.14
C LYS A 194 -7.60 17.65 11.14
N ASN A 195 -8.12 17.95 9.97
CA ASN A 195 -9.47 18.48 9.85
C ASN A 195 -10.55 17.43 10.22
N ASN A 196 -10.36 16.19 9.75
CA ASN A 196 -11.26 15.08 10.07
C ASN A 196 -11.58 15.06 11.56
N ILE A 197 -10.51 15.15 12.31
CA ILE A 197 -10.47 15.01 13.75
C ILE A 197 -11.06 16.20 14.51
N LYS A 198 -11.40 17.27 13.79
CA LYS A 198 -12.08 18.42 14.40
C LYS A 198 -13.59 18.32 14.22
N TRP A 199 -14.07 17.12 13.86
CA TRP A 199 -15.49 16.94 13.62
C TRP A 199 -16.30 17.02 14.90
N ASP A 200 -17.56 17.39 14.74
CA ASP A 200 -18.45 17.61 15.86
C ASP A 200 -19.86 17.13 15.58
N GLU A 201 -20.54 16.64 16.61
CA GLU A 201 -21.94 16.22 16.50
C GLU A 201 -22.75 17.26 15.73
N SER A 202 -22.52 18.53 16.08
CA SER A 202 -23.12 19.66 15.39
C SER A 202 -22.95 19.58 13.87
N GLN A 203 -21.82 19.04 13.46
CA GLN A 203 -21.43 18.95 12.06
C GLN A 203 -22.36 18.08 11.24
N GLY A 204 -22.84 17.01 11.84
CA GLY A 204 -23.68 16.08 11.11
C GLY A 204 -22.90 14.82 10.81
N ASP A 205 -23.45 14.01 9.92
CA ASP A 205 -22.82 12.73 9.59
C ASP A 205 -21.32 12.87 9.37
N LEU A 206 -20.54 12.14 10.15
CA LEU A 206 -19.08 12.20 10.02
C LEU A 206 -18.57 11.99 8.59
N ASN A 207 -19.00 10.93 7.92
CA ASN A 207 -18.51 10.64 6.58
C ASN A 207 -18.76 11.76 5.58
N GLU A 208 -19.91 12.42 5.70
CA GLU A 208 -20.28 13.52 4.81
C GLU A 208 -19.47 14.78 5.17
N TYR A 209 -19.27 15.00 6.45
CA TYR A 209 -18.42 16.07 6.91
C TYR A 209 -17.03 15.94 6.27
N VAL A 210 -16.47 14.74 6.33
CA VAL A 210 -15.12 14.51 5.82
C VAL A 210 -15.08 14.69 4.31
N ALA A 211 -16.09 14.20 3.61
CA ALA A 211 -16.09 14.21 2.15
C ALA A 211 -16.36 15.60 1.56
N ASN A 212 -16.96 16.47 2.34
CA ASN A 212 -17.32 17.80 1.83
C ASN A 212 -16.49 18.91 2.43
N ALA A 213 -15.58 18.57 3.34
CA ALA A 213 -14.75 19.59 3.96
C ALA A 213 -13.91 20.27 2.88
N ASN A 214 -13.77 21.59 3.01
CA ASN A 214 -13.03 22.34 2.01
C ASN A 214 -11.54 22.31 2.31
N THR A 215 -10.97 21.11 2.28
CA THR A 215 -9.56 20.91 2.54
C THR A 215 -8.83 20.85 1.22
N ILE A 216 -7.53 21.14 1.23
CA ILE A 216 -6.75 21.04 0.02
C ILE A 216 -6.88 19.62 -0.53
N TYR A 217 -6.75 18.63 0.35
CA TYR A 217 -6.93 17.23 -0.06
C TYR A 217 -8.19 17.02 -0.91
N ASN A 218 -9.33 17.52 -0.44
CA ASN A 218 -10.57 17.38 -1.19
C ASN A 218 -10.61 18.12 -2.52
N LYS A 219 -9.78 19.15 -2.67
CA LYS A 219 -9.70 19.92 -3.91
C LYS A 219 -9.02 19.16 -5.01
N ILE A 220 -8.17 18.22 -4.62
CA ILE A 220 -7.42 17.46 -5.60
C ILE A 220 -8.28 16.29 -6.07
N THR A 221 -9.14 16.59 -7.03
CA THR A 221 -10.06 15.63 -7.60
C THR A 221 -9.40 14.91 -8.77
N GLU A 222 -10.14 13.99 -9.40
CA GLU A 222 -9.59 13.21 -10.50
C GLU A 222 -9.31 14.08 -11.72
N ASP A 223 -10.23 15.00 -12.01
CA ASP A 223 -10.01 15.98 -13.06
C ASP A 223 -8.69 16.74 -12.86
N VAL A 224 -8.41 17.15 -11.63
CA VAL A 224 -7.18 17.88 -11.31
C VAL A 224 -5.97 16.98 -11.55
N ILE A 225 -6.01 15.75 -11.03
CA ILE A 225 -4.95 14.78 -11.31
C ILE A 225 -4.74 14.59 -12.80
N ASP A 226 -5.84 14.35 -13.52
CA ASP A 226 -5.82 14.20 -14.98
C ASP A 226 -5.15 15.39 -15.66
N TYR A 227 -5.53 16.59 -15.25
CA TYR A 227 -4.94 17.80 -15.81
C TYR A 227 -3.46 17.88 -15.46
N THR A 228 -3.12 17.58 -14.22
CA THR A 228 -1.71 17.52 -13.83
C THR A 228 -0.88 16.49 -14.63
N ILE A 229 -1.28 15.22 -14.54
CA ILE A 229 -0.57 14.11 -15.21
C ILE A 229 -0.64 14.02 -16.74
N LYS A 230 -1.80 14.34 -17.31
CA LYS A 230 -2.06 14.14 -18.72
C LYS A 230 -1.99 12.65 -19.06
N ASP A 231 -1.24 12.31 -20.09
CA ASP A 231 -1.09 10.92 -20.54
C ASP A 231 0.20 10.31 -20.03
N GLY A 232 0.84 10.97 -19.09
CA GLY A 232 2.15 10.60 -18.61
C GLY A 232 2.16 9.35 -17.76
N TYR A 233 0.99 8.84 -17.39
CA TYR A 233 0.92 7.56 -16.68
C TYR A 233 1.25 6.39 -17.60
N GLU A 234 1.63 5.27 -16.99
CA GLU A 234 1.94 4.04 -17.71
C GLU A 234 1.08 2.88 -17.22
N GLU A 235 0.56 2.10 -18.16
CA GLU A 235 -0.19 0.91 -17.85
C GLU A 235 0.46 -0.26 -18.59
N ASP A 236 0.74 -1.34 -17.88
CA ASP A 236 1.45 -2.47 -18.47
C ASP A 236 0.72 -3.79 -18.30
N GLU A 237 0.92 -4.71 -19.25
CA GLU A 237 0.36 -6.05 -19.12
C GLU A 237 1.27 -6.85 -18.20
N TYR A 238 0.66 -7.79 -17.48
CA TYR A 238 1.39 -8.63 -16.52
C TYR A 238 0.98 -10.09 -16.68
N ASN A 239 1.96 -10.99 -16.88
CA ASN A 239 1.67 -12.42 -16.76
C ASN A 239 1.98 -12.86 -15.33
N LEU A 240 1.40 -13.97 -14.90
CA LEU A 240 1.71 -14.50 -13.58
C LEU A 240 3.22 -14.67 -13.48
N GLY A 241 3.79 -14.22 -12.37
CA GLY A 241 5.23 -14.20 -12.25
C GLY A 241 5.84 -12.81 -12.35
N ASP A 242 5.22 -11.93 -13.14
CA ASP A 242 5.61 -10.52 -13.20
C ASP A 242 5.18 -9.77 -11.91
N ALA A 243 5.87 -8.69 -11.58
CA ALA A 243 5.45 -7.84 -10.48
C ALA A 243 5.77 -6.37 -10.77
N PHE A 244 5.21 -5.47 -9.97
CA PHE A 244 5.45 -4.05 -10.13
C PHE A 244 6.07 -3.55 -8.85
N PHE A 245 7.22 -2.91 -8.98
CA PHE A 245 7.94 -2.42 -7.82
C PHE A 245 7.89 -0.89 -7.85
N PHE A 246 7.52 -0.27 -6.73
CA PHE A 246 7.36 1.19 -6.72
C PHE A 246 7.51 1.77 -5.34
N ASN A 247 8.13 2.94 -5.26
CA ASN A 247 8.30 3.59 -3.98
C ASN A 247 7.02 4.33 -3.57
N LYS A 248 6.98 4.82 -2.34
CA LYS A 248 5.76 5.31 -1.75
C LYS A 248 5.37 6.74 -2.16
N TYR A 249 6.14 7.34 -3.06
CA TYR A 249 5.79 8.66 -3.61
C TYR A 249 5.18 8.53 -4.98
N VAL A 250 5.06 7.31 -5.49
CA VAL A 250 4.50 7.11 -6.81
C VAL A 250 2.99 7.16 -6.76
N LEU A 251 2.41 8.05 -7.57
CA LEU A 251 0.96 8.13 -7.72
C LEU A 251 0.44 6.96 -8.58
N HIS A 252 -0.55 6.26 -8.07
CA HIS A 252 -1.01 5.06 -8.78
C HIS A 252 -2.49 4.82 -8.46
N GLN A 253 -3.14 4.02 -9.31
CA GLN A 253 -4.53 3.59 -9.08
C GLN A 253 -4.85 2.25 -9.74
N SER A 254 -5.96 1.66 -9.32
CA SER A 254 -6.54 0.51 -10.01
C SER A 254 -7.23 0.95 -11.28
N VAL A 255 -7.26 0.04 -12.25
CA VAL A 255 -7.93 0.22 -13.54
C VAL A 255 -9.12 -0.72 -13.53
N PRO A 256 -10.23 -0.34 -14.18
CA PRO A 256 -11.32 -1.32 -14.17
C PRO A 256 -11.00 -2.62 -14.92
N LEU A 257 -11.51 -3.74 -14.41
CA LEU A 257 -11.41 -5.06 -15.07
C LEU A 257 -12.62 -5.25 -15.99
N LYS A 258 -12.39 -5.38 -17.29
CA LYS A 258 -13.46 -5.76 -18.20
C LYS A 258 -13.89 -7.25 -18.03
N PRO A 259 -15.21 -7.53 -18.07
CA PRO A 259 -15.71 -8.90 -17.90
C PRO A 259 -15.26 -9.86 -19.00
N GLY A 260 -15.43 -11.15 -18.72
CA GLY A 260 -15.09 -12.22 -19.64
C GLY A 260 -13.75 -12.91 -19.52
N LEU A 261 -12.87 -12.44 -18.64
CA LEU A 261 -11.61 -13.14 -18.42
C LEU A 261 -11.48 -13.71 -17.01
N HIS A 262 -11.69 -12.87 -16.01
CA HIS A 262 -11.61 -13.29 -14.61
C HIS A 262 -12.87 -12.90 -13.89
N LYS A 263 -13.34 -13.76 -12.99
CA LYS A 263 -14.45 -13.41 -12.14
C LYS A 263 -13.97 -12.32 -11.20
N LEU A 264 -12.74 -12.51 -10.72
CA LEU A 264 -12.11 -11.59 -9.79
C LEU A 264 -10.62 -11.52 -10.07
N ARG A 265 -10.00 -10.37 -9.84
CA ARG A 265 -8.57 -10.24 -10.01
C ARG A 265 -7.95 -9.85 -8.68
N ARG A 266 -6.94 -10.59 -8.25
CA ARG A 266 -6.32 -10.39 -6.96
C ARG A 266 -4.93 -9.87 -7.19
N ALA A 267 -4.41 -9.16 -6.21
CA ALA A 267 -3.00 -8.81 -6.20
C ALA A 267 -2.54 -8.84 -4.77
N PHE A 268 -1.37 -9.43 -4.57
CA PHE A 268 -0.79 -9.46 -3.24
C PHE A 268 0.34 -8.42 -3.21
N VAL A 269 0.38 -7.64 -2.14
CA VAL A 269 1.27 -6.49 -2.09
C VAL A 269 2.14 -6.56 -0.86
N ILE A 270 3.46 -6.50 -1.04
CA ILE A 270 4.36 -6.48 0.12
C ILE A 270 4.93 -5.08 0.33
N ARG A 271 4.81 -4.55 1.55
CA ARG A 271 5.40 -3.25 1.87
C ARG A 271 6.76 -3.42 2.51
N LEU A 272 7.73 -2.70 1.97
CA LEU A 272 9.10 -2.74 2.48
C LEU A 272 9.54 -1.36 2.97
N VAL A 273 10.33 -1.33 4.05
CA VAL A 273 10.99 -0.10 4.47
C VAL A 273 12.52 -0.27 4.45
N ASP A 274 13.25 0.79 4.74
CA ASP A 274 14.71 0.72 4.85
C ASP A 274 15.11 0.35 6.27
N TYR A 275 16.28 -0.26 6.42
CA TYR A 275 16.86 -0.54 7.74
C TYR A 275 16.78 0.67 8.69
N ASP A 276 16.90 1.88 8.14
CA ASP A 276 16.92 3.14 8.92
C ASP A 276 15.58 3.88 9.02
N THR A 277 14.51 3.26 8.55
CA THR A 277 13.19 3.90 8.55
C THR A 277 12.64 4.07 9.96
N ARG A 278 12.07 5.25 10.22
CA ARG A 278 11.63 5.61 11.55
C ARG A 278 10.12 5.71 11.68
N VAL A 279 9.64 5.43 12.89
CA VAL A 279 8.23 5.57 13.23
C VAL A 279 7.84 7.05 13.28
N ASP A 280 6.64 7.37 12.81
CA ASP A 280 6.12 8.73 12.95
C ASP A 280 4.97 8.67 13.93
N GLU A 281 5.27 8.98 15.19
CA GLU A 281 4.27 8.87 16.25
C GLU A 281 3.12 9.84 16.05
N GLU A 282 3.42 10.96 15.42
CA GLU A 282 2.42 12.00 15.28
C GLU A 282 1.33 11.59 14.30
N ARG A 283 1.70 11.12 13.10
CA ARG A 283 0.66 10.68 12.18
C ARG A 283 -0.06 9.46 12.73
N LEU A 284 0.68 8.59 13.40
CA LEU A 284 0.08 7.39 13.96
C LEU A 284 -1.04 7.81 14.90
N GLY A 285 -0.78 8.85 15.70
CA GLY A 285 -1.78 9.37 16.61
C GLY A 285 -2.99 9.93 15.91
N LEU A 286 -2.77 10.66 14.82
CA LEU A 286 -3.86 11.22 14.03
C LEU A 286 -4.78 10.12 13.51
N PHE A 287 -4.17 9.07 12.96
CA PHE A 287 -4.94 7.97 12.41
C PHE A 287 -5.76 7.26 13.47
N SER A 288 -5.14 7.02 14.62
CA SER A 288 -5.81 6.35 15.72
C SER A 288 -7.02 7.17 16.15
N LYS A 289 -6.81 8.46 16.37
CA LYS A 289 -7.89 9.33 16.80
C LYS A 289 -9.02 9.35 15.78
N TYR A 290 -8.68 9.46 14.51
CA TYR A 290 -9.70 9.48 13.47
C TYR A 290 -10.44 8.15 13.44
N SER A 291 -9.67 7.05 13.47
CA SER A 291 -10.24 5.71 13.52
C SER A 291 -11.18 5.58 14.73
N GLN A 292 -10.68 6.00 15.88
CA GLN A 292 -11.46 5.98 17.12
C GLN A 292 -12.78 6.73 16.97
N LEU A 293 -12.69 7.93 16.44
CA LEU A 293 -13.84 8.81 16.25
C LEU A 293 -14.86 8.16 15.32
N HIS A 294 -14.38 7.56 14.25
CA HIS A 294 -15.24 6.94 13.25
C HIS A 294 -15.96 5.72 13.81
N SER A 295 -15.21 4.87 14.50
CA SER A 295 -15.80 3.68 15.15
C SER A 295 -16.84 4.09 16.21
N ARG A 296 -16.54 5.13 16.98
CA ARG A 296 -17.48 5.59 18.00
C ARG A 296 -18.80 6.08 17.40
N TYR A 297 -18.72 6.85 16.33
CA TYR A 297 -19.92 7.41 15.72
C TYR A 297 -20.74 6.35 14.98
N TYR A 298 -20.05 5.47 14.26
CA TYR A 298 -20.76 4.48 13.47
C TYR A 298 -21.02 3.16 14.21
N LYS A 299 -20.55 3.08 15.46
CA LYS A 299 -20.73 1.89 16.29
C LYS A 299 -20.17 0.69 15.57
N THR A 300 -18.89 0.77 15.21
CA THR A 300 -18.27 -0.32 14.48
C THR A 300 -17.15 -0.86 15.33
N LEU A 301 -16.75 -2.10 15.04
CA LEU A 301 -15.69 -2.73 15.79
C LEU A 301 -14.57 -3.17 14.85
N PRO A 302 -13.54 -2.32 14.72
CA PRO A 302 -12.37 -2.58 13.87
C PRO A 302 -11.63 -3.86 14.27
N ARG A 303 -11.46 -4.77 13.31
CA ARG A 303 -10.71 -5.98 13.59
C ARG A 303 -9.36 -5.92 12.91
N TYR A 304 -8.32 -6.36 13.61
CA TYR A 304 -6.99 -6.39 13.06
C TYR A 304 -6.45 -7.81 13.18
N ASN A 305 -5.86 -8.32 12.11
CA ASN A 305 -5.31 -9.66 12.15
C ASN A 305 -4.23 -9.68 13.20
N LYS A 306 -4.16 -10.76 13.98
CA LYS A 306 -3.19 -10.82 15.04
C LYS A 306 -1.85 -10.73 14.35
N ASP A 307 -0.94 -9.96 14.95
CA ASP A 307 0.35 -9.75 14.31
C ASP A 307 0.19 -8.83 13.09
N SER A 308 -0.81 -7.96 13.15
CA SER A 308 -0.88 -6.88 12.18
C SER A 308 0.25 -5.92 12.55
N VAL A 309 0.92 -5.37 11.55
CA VAL A 309 2.08 -4.54 11.82
C VAL A 309 1.67 -3.25 12.52
N LEU A 310 0.54 -2.70 12.09
CA LEU A 310 0.03 -1.46 12.66
C LEU A 310 -0.22 -1.58 14.16
N VAL A 311 -0.90 -2.65 14.55
CA VAL A 311 -1.15 -2.93 15.96
C VAL A 311 0.16 -3.09 16.74
N MET A 312 1.10 -3.83 16.18
CA MET A 312 2.38 -4.04 16.84
C MET A 312 3.10 -2.73 17.13
N VAL A 313 3.06 -1.81 16.17
CA VAL A 313 3.75 -0.53 16.29
C VAL A 313 3.02 0.39 17.27
N SER A 314 1.70 0.31 17.27
CA SER A 314 0.91 1.16 18.15
C SER A 314 1.19 0.84 19.62
N ARG A 315 1.36 -0.45 19.91
CA ARG A 315 1.67 -0.86 21.28
C ARG A 315 3.04 -0.38 21.71
N ALA A 316 4.05 -0.68 20.90
CA ALA A 316 5.40 -0.20 21.16
C ALA A 316 5.38 1.30 21.44
N VAL A 317 4.64 2.03 20.61
CA VAL A 317 4.54 3.48 20.78
C VAL A 317 3.81 3.83 22.07
N GLN A 318 2.74 3.10 22.35
CA GLN A 318 1.91 3.39 23.52
C GLN A 318 2.68 3.11 24.81
N LYS A 319 3.52 2.07 24.80
CA LYS A 319 4.40 1.79 25.91
C LYS A 319 5.46 2.88 26.07
N GLY A 320 5.74 3.59 24.97
CA GLY A 320 6.84 4.53 24.94
C GLY A 320 8.01 3.89 24.22
N LEU A 321 8.62 4.63 23.31
CA LEU A 321 9.68 4.09 22.47
C LEU A 321 11.07 4.41 23.00
N LYS A 322 11.95 3.42 22.95
CA LYS A 322 13.35 3.64 23.28
C LYS A 322 14.09 4.22 22.08
N SER A 323 13.73 3.76 20.89
CA SER A 323 14.40 4.17 19.66
C SER A 323 13.39 4.66 18.65
N PRO A 324 13.83 5.52 17.72
CA PRO A 324 12.97 6.01 16.62
C PRO A 324 12.82 4.99 15.50
N TYR A 325 13.75 4.04 15.40
CA TYR A 325 13.80 3.13 14.28
C TYR A 325 12.84 1.94 14.39
N LEU A 326 12.19 1.60 13.27
CA LEU A 326 11.36 0.40 13.22
C LEU A 326 12.17 -0.84 13.60
N ARG A 327 13.41 -0.92 13.15
CA ARG A 327 14.26 -2.07 13.44
C ARG A 327 14.37 -2.35 14.95
N ASP A 328 14.34 -1.29 15.76
CA ASP A 328 14.49 -1.45 17.21
C ASP A 328 13.19 -1.75 17.95
N ILE A 329 12.12 -2.00 17.22
CA ILE A 329 10.90 -2.48 17.85
C ILE A 329 11.22 -3.91 18.22
N PRO A 330 10.74 -4.38 19.37
CA PRO A 330 11.13 -5.69 19.87
C PRO A 330 10.75 -6.85 18.95
N HIS A 331 9.52 -6.87 18.44
CA HIS A 331 9.12 -7.94 17.54
C HIS A 331 9.95 -7.93 16.26
N VAL A 332 10.19 -6.73 15.75
CA VAL A 332 10.97 -6.57 14.52
C VAL A 332 12.41 -7.01 14.74
N GLN A 333 13.02 -6.50 15.80
CA GLN A 333 14.42 -6.78 16.08
C GLN A 333 14.64 -8.28 16.17
N GLN A 334 13.71 -8.96 16.83
CA GLN A 334 13.80 -10.42 16.97
C GLN A 334 13.70 -11.16 15.63
N THR A 335 12.87 -10.63 14.73
CA THR A 335 12.60 -11.32 13.46
C THR A 335 13.33 -10.67 12.28
N LEU A 336 14.38 -9.93 12.58
CA LEU A 336 15.01 -9.08 11.59
C LEU A 336 15.67 -9.86 10.45
N ALA A 337 16.27 -10.99 10.77
CA ALA A 337 17.02 -11.77 9.78
C ALA A 337 16.14 -12.24 8.62
N ALA A 338 14.95 -12.73 8.96
CA ALA A 338 13.97 -13.14 7.98
C ALA A 338 13.46 -11.96 7.14
N ARG A 339 13.50 -10.75 7.70
CA ARG A 339 12.97 -9.59 7.01
C ARG A 339 13.92 -9.01 5.99
N MET A 340 15.19 -9.42 6.06
CA MET A 340 16.21 -8.77 5.25
C MET A 340 16.90 -9.74 4.31
N ALA A 341 17.72 -9.21 3.42
CA ALA A 341 18.47 -10.03 2.48
C ALA A 341 19.36 -11.02 3.24
N ALA A 342 19.69 -12.13 2.59
CA ALA A 342 20.47 -13.20 3.23
C ALA A 342 21.90 -12.77 3.57
FE FE B . -1.60 1.74 -3.20
C FMT C . -1.53 -1.00 3.13
O1 FMT C . -0.57 -1.77 3.12
O2 FMT C . -2.03 -0.42 2.14
C FMT D . -15.53 -15.43 -16.63
O1 FMT D . -16.29 -14.49 -16.36
O2 FMT D . -15.69 -16.60 -16.25
C FMT E . -3.57 0.91 -0.70
O1 FMT E . -2.61 1.08 -1.47
O2 FMT E . -3.90 1.67 0.23
C FMT F . 10.16 -17.49 -6.01
O1 FMT F . 10.58 -16.68 -5.17
O2 FMT F . 10.33 -17.43 -7.24
C FMT G . 8.75 12.45 -4.84
O1 FMT G . 8.05 13.29 -4.28
O2 FMT G . 9.92 12.23 -4.55
C FMT H . -9.93 11.24 -6.09
O1 FMT H . -10.20 11.72 -4.99
O2 FMT H . -8.79 10.96 -6.46
C1 AKG I . -1.06 -0.96 -3.71
O1 AKG I . -0.60 -2.12 -3.77
O2 AKG I . -0.50 -0.01 -3.14
C2 AKG I . -2.39 -0.71 -4.38
O5 AKG I . -2.84 0.44 -4.39
C3 AKG I . -3.07 -1.92 -5.08
C4 AKG I . -4.30 -1.58 -5.92
C5 AKG I . -4.86 -2.81 -6.66
O3 AKG I . -4.34 -3.93 -6.45
O4 AKG I . -5.77 -2.58 -7.49
CL CL J . 0.03 2.45 -1.68
#